data_9IRL
#
_entry.id   9IRL
#
_cell.length_a   51.114
_cell.length_b   85.134
_cell.length_c   107.361
_cell.angle_alpha   90.000
_cell.angle_beta   90.000
_cell.angle_gamma   90.000
#
_symmetry.space_group_name_H-M   'P 21 21 21'
#
loop_
_entity.id
_entity.type
_entity.pdbx_description
1 polymer 'Proto-oncogene tyrosine-protein kinase Src'
2 non-polymer (2~{R})-2-[3,5-bis(fluoranyl)phenyl]-2-[2-chloranylethanoyl(cyclopropyl)amino]-~{N}-cyclopentyl-ethanamide
3 water water
#
_entity_poly.entity_id   1
_entity_poly.type   'polypeptide(L)'
_entity_poly.pdbx_seq_one_letter_code
;VTTFVALYDYESRTETDLSFKKGERLQIVNNTEGDWWLAHSLTTGQTGYIPSNYVAPSDSIQAEEWYFGKITRRESERLL
LNAENPRGTFLVRESETTKGAYCLSVSDFDNAKGLNVKHYKIRKLDSGGFYITSRTQFNSLQQLVAYYSKHADGLCHRLT
TVCPTSKPQTQGLAKDAWEIPRESLRLEVKLGQGCFGEVWMGTWNGTTRVAIKTLKPGTMSPEAFLQEAQVMKKLRHEKL
VQLYAVVSEEPIYIVTEYMSKGSLLDFLKGETGKYLRLPQLVDMAAQIASGMAYVERMNYVHRDLRAANILVGENLVCKV
ADFGLARLIEDNEYTARQGAKFPIKWTAPEAALYGRFTIKSDVWSFGILLTELTTKGRVPYPGMVNREVLDQVERGYRMP
CPPECPESLHDLMCQCWRKEPEERPTFEYLQAFLEDYFTSTEPQ(PTR)QPGENL
;
_entity_poly.pdbx_strand_id   A
#
# COMPACT_ATOMS: atom_id res chain seq x y z
N VAL A 1 32.45 -5.70 -11.57
CA VAL A 1 31.40 -6.28 -10.73
C VAL A 1 31.40 -5.66 -9.35
N THR A 2 30.30 -5.02 -8.99
CA THR A 2 30.20 -4.51 -7.63
C THR A 2 29.72 -5.62 -6.71
N THR A 3 30.21 -5.56 -5.48
CA THR A 3 29.72 -6.45 -4.45
C THR A 3 28.45 -5.84 -3.86
N PHE A 4 27.41 -6.66 -3.76
CA PHE A 4 26.19 -6.27 -3.06
C PHE A 4 26.13 -7.01 -1.75
N VAL A 5 25.35 -6.49 -0.82
CA VAL A 5 25.16 -7.14 0.46
C VAL A 5 23.67 -7.38 0.67
N ALA A 6 23.33 -8.51 1.29
CA ALA A 6 21.95 -8.94 1.47
C ALA A 6 21.32 -8.18 2.64
N LEU A 7 20.25 -7.44 2.35
CA LEU A 7 19.52 -6.70 3.36
C LEU A 7 18.68 -7.61 4.27
N TYR A 8 18.31 -8.79 3.80
CA TYR A 8 17.47 -9.71 4.55
C TYR A 8 17.82 -11.12 4.17
N ASP A 9 17.44 -12.05 5.03
CA ASP A 9 17.43 -13.47 4.66
C ASP A 9 16.52 -13.67 3.48
N TYR A 10 16.88 -14.63 2.63
CA TYR A 10 16.01 -15.04 1.54
C TYR A 10 16.09 -16.55 1.42
N GLU A 11 14.96 -17.21 1.58
CA GLU A 11 14.90 -18.66 1.50
C GLU A 11 14.49 -19.05 0.09
N SER A 12 15.24 -19.98 -0.48
CA SER A 12 15.04 -20.38 -1.86
C SER A 12 13.64 -20.90 -2.07
N ARG A 13 13.08 -20.61 -3.22
CA ARG A 13 11.75 -21.13 -3.53
C ARG A 13 11.75 -22.07 -4.72
N THR A 14 12.70 -21.92 -5.63
CA THR A 14 12.75 -22.74 -6.83
C THR A 14 14.09 -23.45 -6.88
N GLU A 15 14.54 -23.82 -8.08
CA GLU A 15 15.84 -24.45 -8.29
C GLU A 15 16.88 -23.49 -8.85
N THR A 16 16.45 -22.48 -9.58
CA THR A 16 17.36 -21.50 -10.16
C THR A 16 17.53 -20.25 -9.31
N ASP A 17 16.80 -20.12 -8.20
CA ASP A 17 17.04 -18.98 -7.34
C ASP A 17 18.14 -19.32 -6.34
N LEU A 18 18.73 -18.29 -5.75
CA LEU A 18 19.83 -18.43 -4.82
C LEU A 18 19.34 -18.01 -3.44
N SER A 19 19.44 -18.91 -2.46
CA SER A 19 19.10 -18.51 -1.10
C SER A 19 20.34 -17.92 -0.44
N PHE A 20 20.12 -16.99 0.48
CA PHE A 20 21.21 -16.27 1.13
C PHE A 20 20.74 -15.72 2.47
N LYS A 21 21.69 -15.44 3.35
CA LYS A 21 21.39 -14.88 4.67
C LYS A 21 21.73 -13.39 4.70
N LYS A 22 21.05 -12.69 5.58
CA LYS A 22 21.29 -11.26 5.76
C LYS A 22 22.78 -10.98 5.98
N GLY A 23 23.31 -9.99 5.26
CA GLY A 23 24.72 -9.65 5.36
C GLY A 23 25.64 -10.41 4.44
N GLU A 24 25.16 -11.44 3.76
CA GLU A 24 25.97 -12.21 2.84
C GLU A 24 26.34 -11.37 1.61
N ARG A 25 27.53 -11.60 1.09
CA ARG A 25 28.05 -10.80 -0.01
C ARG A 25 27.82 -11.52 -1.33
N LEU A 26 27.31 -10.78 -2.31
CA LEU A 26 26.88 -11.34 -3.57
C LEU A 26 27.47 -10.52 -4.71
N GLN A 27 27.97 -11.23 -5.72
CA GLN A 27 28.45 -10.61 -6.94
C GLN A 27 27.32 -10.49 -7.93
N ILE A 28 27.09 -9.29 -8.42
CA ILE A 28 26.12 -9.00 -9.47
C ILE A 28 26.84 -8.15 -10.52
N VAL A 29 26.58 -8.45 -11.81
CA VAL A 29 27.13 -7.63 -12.88
C VAL A 29 26.61 -6.20 -12.75
N ASN A 30 27.50 -5.23 -13.00
CA ASN A 30 27.35 -3.88 -12.45
C ASN A 30 26.01 -3.19 -12.72
N ASN A 31 25.73 -2.81 -13.97
CA ASN A 31 24.53 -2.02 -14.29
C ASN A 31 23.30 -2.88 -14.58
N THR A 32 23.08 -3.93 -13.79
CA THR A 32 21.91 -4.79 -13.95
C THR A 32 20.63 -4.09 -13.50
N GLU A 33 19.57 -4.31 -14.26
CA GLU A 33 18.24 -3.81 -13.96
C GLU A 33 17.25 -4.98 -13.96
N GLY A 34 16.08 -4.75 -13.39
CA GLY A 34 15.02 -5.75 -13.33
C GLY A 34 14.70 -6.11 -11.91
N ASP A 35 13.71 -6.98 -11.77
CA ASP A 35 13.25 -7.41 -10.46
C ASP A 35 14.02 -8.61 -9.91
N TRP A 36 14.57 -9.46 -10.79
CA TRP A 36 15.35 -10.63 -10.38
C TRP A 36 16.70 -10.56 -11.05
N TRP A 37 17.77 -10.64 -10.25
CA TRP A 37 19.15 -10.49 -10.72
C TRP A 37 19.93 -11.79 -10.54
N LEU A 38 20.76 -12.12 -11.53
CA LEU A 38 21.67 -13.24 -11.41
C LEU A 38 22.81 -12.92 -10.44
N ALA A 39 23.01 -13.76 -9.43
CA ALA A 39 23.97 -13.49 -8.38
C ALA A 39 24.86 -14.70 -8.14
N HIS A 40 26.07 -14.41 -7.70
CA HIS A 40 27.02 -15.41 -7.26
C HIS A 40 27.37 -15.11 -5.81
N SER A 41 27.18 -16.08 -4.92
CA SER A 41 27.49 -15.83 -3.52
C SER A 41 28.99 -15.85 -3.31
N LEU A 42 29.54 -14.74 -2.84
CA LEU A 42 30.93 -14.72 -2.42
C LEU A 42 31.17 -15.53 -1.16
N THR A 43 30.13 -15.93 -0.43
CA THR A 43 30.34 -16.71 0.78
C THR A 43 30.11 -18.20 0.60
N THR A 44 29.19 -18.64 -0.27
CA THR A 44 28.97 -20.07 -0.44
C THR A 44 29.36 -20.57 -1.82
N GLY A 45 29.74 -19.69 -2.74
CA GLY A 45 29.98 -20.17 -4.09
C GLY A 45 28.78 -20.67 -4.84
N GLN A 46 27.57 -20.53 -4.27
CA GLN A 46 26.35 -20.91 -4.96
C GLN A 46 25.90 -19.76 -5.89
N THR A 47 25.11 -20.12 -6.91
CA THR A 47 24.67 -19.12 -7.88
C THR A 47 23.18 -19.27 -8.20
N GLY A 48 22.53 -18.14 -8.46
CA GLY A 48 21.14 -18.15 -8.87
C GLY A 48 20.54 -16.75 -8.85
N TYR A 49 19.26 -16.69 -9.22
CA TYR A 49 18.59 -15.40 -9.27
C TYR A 49 18.16 -14.96 -7.87
N ILE A 50 18.19 -13.66 -7.65
CA ILE A 50 17.80 -13.11 -6.35
C ILE A 50 16.83 -11.96 -6.58
N PRO A 51 15.96 -11.63 -5.62
CA PRO A 51 15.10 -10.45 -5.80
C PRO A 51 15.93 -9.21 -5.55
N SER A 52 15.84 -8.26 -6.46
CA SER A 52 16.78 -7.15 -6.41
C SER A 52 16.50 -6.22 -5.25
N ASN A 53 15.29 -6.24 -4.70
CA ASN A 53 15.04 -5.34 -3.58
C ASN A 53 15.56 -5.90 -2.27
N TYR A 54 16.19 -7.08 -2.30
CA TYR A 54 16.74 -7.69 -1.10
C TYR A 54 18.21 -7.35 -0.87
N VAL A 55 18.83 -6.58 -1.77
CA VAL A 55 20.25 -6.27 -1.72
C VAL A 55 20.47 -4.77 -1.92
N ALA A 56 21.68 -4.34 -1.57
CA ALA A 56 22.20 -2.99 -1.72
C ALA A 56 23.70 -3.12 -1.92
N PRO A 57 24.34 -2.15 -2.58
CA PRO A 57 25.80 -2.22 -2.77
C PRO A 57 26.53 -2.18 -1.44
N SER A 58 27.51 -3.07 -1.31
CA SER A 58 28.31 -3.15 -0.09
C SER A 58 28.89 -1.78 0.26
N ASP A 59 28.99 -1.51 1.56
CA ASP A 59 29.43 -0.23 2.12
C ASP A 59 28.86 0.96 1.33
N SER A 60 27.58 0.88 0.99
CA SER A 60 26.82 2.04 0.54
C SER A 60 25.96 2.51 1.69
N ILE A 61 25.39 3.72 1.57
CA ILE A 61 24.46 4.14 2.60
C ILE A 61 23.24 3.24 2.57
N GLN A 62 22.81 2.84 1.37
CA GLN A 62 21.66 1.94 1.22
C GLN A 62 21.84 0.63 1.96
N ALA A 63 23.07 0.25 2.29
CA ALA A 63 23.28 -1.00 3.00
C ALA A 63 23.07 -0.87 4.52
N GLU A 64 22.89 0.33 5.07
CA GLU A 64 22.60 0.45 6.49
C GLU A 64 21.12 0.16 6.77
N GLU A 65 20.85 -0.64 7.81
CA GLU A 65 19.48 -1.04 8.08
C GLU A 65 18.59 0.14 8.44
N TRP A 66 19.14 1.21 8.99
CA TRP A 66 18.35 2.38 9.35
C TRP A 66 18.22 3.39 8.21
N TYR A 67 18.77 3.10 7.03
CA TYR A 67 18.62 3.99 5.90
C TYR A 67 17.43 3.55 5.06
N PHE A 68 16.44 4.43 4.89
CA PHE A 68 15.19 4.06 4.26
C PHE A 68 14.97 4.79 2.92
N GLY A 69 15.95 5.54 2.45
CA GLY A 69 15.87 6.08 1.09
C GLY A 69 14.81 7.16 0.96
N LYS A 70 14.03 7.05 -0.11
CA LYS A 70 13.09 8.09 -0.53
C LYS A 70 11.71 7.91 0.11
N ILE A 71 11.63 7.26 1.28
CA ILE A 71 10.35 7.11 1.95
C ILE A 71 9.81 8.48 2.35
N THR A 72 8.49 8.66 2.25
CA THR A 72 7.91 9.94 2.58
C THR A 72 7.75 10.12 4.09
N ARG A 73 7.58 11.38 4.49
CA ARG A 73 7.39 11.68 5.89
C ARG A 73 6.19 10.92 6.45
N ARG A 74 5.09 10.89 5.69
CA ARG A 74 3.90 10.18 6.14
C ARG A 74 4.17 8.69 6.33
N GLU A 75 4.88 8.06 5.39
CA GLU A 75 5.08 6.63 5.48
C GLU A 75 6.15 6.26 6.50
N SER A 76 7.12 7.13 6.73
CA SER A 76 8.07 6.90 7.80
C SER A 76 7.36 6.96 9.16
N GLU A 77 6.45 7.92 9.33
CA GLU A 77 5.70 8.05 10.57
C GLU A 77 4.82 6.84 10.83
N ARG A 78 4.16 6.34 9.80
CA ARG A 78 3.39 5.10 9.92
C ARG A 78 4.24 3.99 10.53
N LEU A 79 5.45 3.77 10.00
CA LEU A 79 6.30 2.70 10.52
C LEU A 79 6.81 3.02 11.91
N LEU A 80 7.17 4.28 12.17
CA LEU A 80 7.79 4.62 13.45
C LEU A 80 6.79 4.55 14.59
N LEU A 81 5.53 4.87 14.33
CA LEU A 81 4.53 4.99 15.36
C LEU A 81 3.91 3.65 15.77
N ASN A 82 4.39 2.54 15.24
CA ASN A 82 3.89 1.23 15.66
C ASN A 82 4.08 1.07 17.17
N ALA A 83 3.07 0.49 17.84
CA ALA A 83 3.03 0.43 19.31
C ALA A 83 4.16 -0.39 19.93
N GLU A 84 4.78 -1.30 19.19
CA GLU A 84 5.88 -2.11 19.71
C GLU A 84 7.23 -1.40 19.67
N ASN A 85 7.28 -0.16 19.20
CA ASN A 85 8.56 0.52 19.06
C ASN A 85 8.86 1.32 20.32
N PRO A 86 10.00 1.11 20.97
CA PRO A 86 10.36 1.99 22.08
C PRO A 86 10.67 3.39 21.59
N ARG A 87 10.59 4.30 22.54
CA ARG A 87 11.05 5.65 22.34
C ARG A 87 12.47 5.67 21.79
N GLY A 88 12.71 6.53 20.81
CA GLY A 88 14.00 6.57 20.16
C GLY A 88 14.15 5.61 19.01
N THR A 89 13.07 4.94 18.60
CA THR A 89 13.08 4.20 17.34
C THR A 89 13.25 5.19 16.18
N PHE A 90 14.07 4.84 15.19
CA PHE A 90 14.51 5.87 14.26
C PHE A 90 14.76 5.31 12.88
N LEU A 91 14.82 6.22 11.92
CA LEU A 91 15.23 5.90 10.57
C LEU A 91 15.84 7.15 9.98
N VAL A 92 16.60 6.97 8.91
CA VAL A 92 17.16 8.07 8.13
C VAL A 92 16.62 7.94 6.71
N ARG A 93 16.19 9.07 6.14
CA ARG A 93 15.58 9.15 4.81
C ARG A 93 16.06 10.41 4.10
N GLU A 94 15.84 10.49 2.79
CA GLU A 94 16.10 11.72 2.07
C GLU A 94 15.08 12.79 2.44
N SER A 95 15.52 14.05 2.44
CA SER A 95 14.60 15.17 2.57
C SER A 95 13.81 15.38 1.29
N GLU A 96 12.47 15.38 1.38
CA GLU A 96 11.64 15.64 0.19
C GLU A 96 11.68 17.10 -0.22
N THR A 97 12.44 17.93 0.49
CA THR A 97 12.26 19.37 0.49
C THR A 97 13.55 20.15 0.29
N THR A 98 14.70 19.57 0.63
CA THR A 98 16.02 20.14 0.40
C THR A 98 16.85 19.09 -0.34
N LYS A 99 17.09 19.33 -1.63
CA LYS A 99 17.90 18.38 -2.41
C LYS A 99 19.26 18.22 -1.76
N GLY A 100 19.68 16.98 -1.57
CA GLY A 100 20.97 16.71 -0.98
C GLY A 100 20.96 16.57 0.53
N ALA A 101 19.88 16.94 1.20
CA ALA A 101 19.81 16.78 2.64
C ALA A 101 19.10 15.48 3.00
N TYR A 102 19.28 15.09 4.25
CA TYR A 102 18.66 13.90 4.80
C TYR A 102 17.82 14.32 5.99
N CYS A 103 17.12 13.35 6.54
CA CYS A 103 16.25 13.58 7.67
C CYS A 103 16.38 12.41 8.64
N LEU A 104 16.56 12.71 9.92
CA LEU A 104 16.54 11.71 10.97
C LEU A 104 15.14 11.77 11.58
N SER A 105 14.40 10.66 11.52
CA SER A 105 13.03 10.63 12.04
C SER A 105 12.99 9.68 13.24
N VAL A 106 12.50 10.18 14.37
CA VAL A 106 12.69 9.54 15.67
C VAL A 106 11.36 9.47 16.41
N SER A 107 11.02 8.30 16.94
CA SER A 107 9.81 8.21 17.75
C SER A 107 10.09 8.76 19.15
N ASP A 108 9.08 9.40 19.71
CA ASP A 108 9.29 10.15 20.95
C ASP A 108 7.99 10.12 21.74
N PHE A 109 8.06 10.57 23.00
CA PHE A 109 6.88 10.66 23.85
C PHE A 109 6.96 11.96 24.63
N ASP A 110 5.90 12.76 24.56
CA ASP A 110 5.82 14.06 25.19
C ASP A 110 4.68 14.03 26.19
N ASN A 111 4.89 14.61 27.38
CA ASN A 111 3.91 14.43 28.45
C ASN A 111 2.58 15.09 28.13
N ALA A 112 2.54 16.06 27.22
CA ALA A 112 1.30 16.69 26.81
C ALA A 112 0.70 16.08 25.55
N LYS A 113 1.51 15.86 24.52
CA LYS A 113 1.00 15.41 23.23
C LYS A 113 1.07 13.89 23.01
N GLY A 114 1.77 13.15 23.88
CA GLY A 114 1.83 11.70 23.75
C GLY A 114 2.85 11.24 22.72
N LEU A 115 2.62 10.03 22.20
CA LEU A 115 3.47 9.44 21.16
C LEU A 115 3.54 10.32 19.93
N ASN A 116 4.75 10.69 19.49
CA ASN A 116 4.89 11.57 18.34
C ASN A 116 6.20 11.28 17.63
N VAL A 117 6.32 11.73 16.37
CA VAL A 117 7.55 11.58 15.60
C VAL A 117 8.17 12.95 15.38
N LYS A 118 9.45 13.06 15.68
CA LYS A 118 10.21 14.28 15.44
C LYS A 118 11.17 14.07 14.28
N HIS A 119 11.25 15.08 13.40
CA HIS A 119 12.08 15.03 12.20
C HIS A 119 13.20 16.06 12.31
N TYR A 120 14.43 15.61 12.13
CA TYR A 120 15.59 16.50 12.18
C TYR A 120 16.24 16.53 10.81
N LYS A 121 16.39 17.72 10.25
CA LYS A 121 17.05 17.86 8.97
C LYS A 121 18.55 17.68 9.15
N ILE A 122 19.13 16.75 8.39
CA ILE A 122 20.57 16.55 8.33
C ILE A 122 21.08 17.26 7.09
N ARG A 123 22.05 18.17 7.28
CA ARG A 123 22.65 18.92 6.19
C ARG A 123 24.10 18.52 6.00
N LYS A 124 24.61 18.75 4.79
CA LYS A 124 26.01 18.49 4.47
C LYS A 124 26.46 19.48 3.41
N LEU A 125 27.38 20.36 3.77
CA LEU A 125 28.00 21.27 2.82
C LEU A 125 29.48 20.94 2.70
N ASP A 126 30.12 21.44 1.64
CA ASP A 126 31.53 21.16 1.41
C ASP A 126 32.39 21.73 2.53
N SER A 127 31.99 22.85 3.05
CA SER A 127 32.67 23.49 4.17
C SER A 127 32.59 22.68 5.50
N GLY A 128 32.20 21.41 5.52
CA GLY A 128 32.14 20.66 6.78
C GLY A 128 31.59 19.26 6.59
N GLY A 129 31.11 18.68 7.70
CA GLY A 129 30.51 17.36 7.68
C GLY A 129 29.00 17.38 7.83
N PHE A 130 28.44 16.19 7.97
CA PHE A 130 27.00 16.04 8.23
C PHE A 130 26.65 16.59 9.61
N TYR A 131 25.51 17.27 9.71
CA TYR A 131 25.19 17.87 11.00
C TYR A 131 23.70 18.15 11.13
N ILE A 132 23.21 18.08 12.37
CA ILE A 132 21.88 18.55 12.72
C ILE A 132 21.94 19.94 13.35
N THR A 133 22.85 20.14 14.29
CA THR A 133 23.24 21.46 14.77
C THR A 133 24.69 21.70 14.38
N SER A 134 25.00 22.91 13.87
CA SER A 134 26.33 23.14 13.33
C SER A 134 27.44 22.95 14.37
N ARG A 135 27.10 22.97 15.67
CA ARG A 135 28.13 22.79 16.68
C ARG A 135 28.70 21.37 16.71
N THR A 136 27.99 20.39 16.16
CA THR A 136 28.43 19.00 16.19
C THR A 136 28.30 18.42 14.79
N GLN A 137 29.43 18.00 14.21
CA GLN A 137 29.50 17.61 12.80
C GLN A 137 30.21 16.27 12.67
N PHE A 138 29.92 15.55 11.58
CA PHE A 138 30.45 14.20 11.44
C PHE A 138 30.98 13.97 10.02
N ASN A 139 31.88 12.99 9.90
CA ASN A 139 32.37 12.57 8.59
C ASN A 139 31.31 11.86 7.77
N SER A 140 30.33 11.23 8.42
CA SER A 140 29.41 10.35 7.72
C SER A 140 28.08 10.31 8.44
N LEU A 141 27.05 9.88 7.70
CA LEU A 141 25.77 9.54 8.32
C LEU A 141 25.94 8.44 9.36
N GLN A 142 26.78 7.44 9.06
CA GLN A 142 27.04 6.37 10.02
C GLN A 142 27.58 6.93 11.34
N GLN A 143 28.46 7.93 11.28
CA GLN A 143 29.01 8.49 12.51
C GLN A 143 27.98 9.30 13.27
N LEU A 144 27.17 10.07 12.54
CA LEU A 144 26.09 10.82 13.17
C LEU A 144 25.17 9.88 13.96
N VAL A 145 24.75 8.79 13.33
CA VAL A 145 23.86 7.83 13.99
C VAL A 145 24.53 7.25 15.23
N ALA A 146 25.80 6.86 15.12
CA ALA A 146 26.50 6.28 16.27
C ALA A 146 26.63 7.28 17.40
N TYR A 147 26.91 8.55 17.09
CA TYR A 147 26.99 9.56 18.14
C TYR A 147 25.66 9.69 18.87
N TYR A 148 24.55 9.86 18.13
CA TYR A 148 23.27 10.11 18.77
C TYR A 148 22.63 8.85 19.36
N SER A 149 23.15 7.67 19.06
CA SER A 149 22.73 6.49 19.80
C SER A 149 23.26 6.47 21.24
N LYS A 150 24.18 7.39 21.60
CA LYS A 150 24.73 7.44 22.95
C LYS A 150 24.23 8.61 23.78
N HIS A 151 23.92 9.75 23.14
CA HIS A 151 23.45 10.96 23.79
C HIS A 151 22.37 11.61 22.95
N ALA A 152 21.27 12.02 23.59
CA ALA A 152 20.33 12.91 22.89
C ALA A 152 21.02 14.19 22.44
N ASP A 153 21.86 14.76 23.30
CA ASP A 153 22.65 15.96 23.03
C ASP A 153 21.91 16.95 22.15
N GLY A 154 20.72 17.33 22.61
CA GLY A 154 19.87 18.24 21.88
C GLY A 154 18.68 17.59 21.21
N LEU A 155 18.77 16.30 20.89
CA LEU A 155 17.62 15.62 20.32
C LEU A 155 16.58 15.32 21.41
N CYS A 156 15.35 15.09 20.97
CA CYS A 156 14.28 14.77 21.90
C CYS A 156 14.64 13.56 22.75
N HIS A 157 15.40 12.62 22.19
CA HIS A 157 15.71 11.36 22.85
C HIS A 157 16.86 10.67 22.13
N ARG A 158 17.63 9.91 22.89
CA ARG A 158 18.67 9.04 22.36
C ARG A 158 18.09 8.11 21.30
N LEU A 159 18.88 7.86 20.24
CA LEU A 159 18.52 6.83 19.27
C LEU A 159 18.70 5.45 19.89
N THR A 160 17.66 4.62 19.84
CA THR A 160 17.72 3.31 20.50
C THR A 160 17.51 2.14 19.57
N THR A 161 16.56 2.22 18.65
CA THR A 161 16.10 1.05 17.92
C THR A 161 15.96 1.40 16.46
N VAL A 162 16.55 0.60 15.58
CA VAL A 162 16.32 0.79 14.16
C VAL A 162 14.87 0.45 13.87
N CYS A 163 14.20 1.34 13.14
CA CYS A 163 12.80 1.15 12.84
C CYS A 163 12.60 -0.22 12.21
N PRO A 164 11.75 -1.07 12.79
CA PRO A 164 11.56 -2.41 12.23
C PRO A 164 10.66 -2.38 11.01
N THR A 165 10.83 -3.41 10.20
CA THR A 165 10.07 -3.50 8.97
C THR A 165 9.89 -4.97 8.64
N SER A 166 8.84 -5.28 7.90
CA SER A 166 8.70 -6.63 7.42
C SER A 166 9.65 -6.84 6.25
N LYS A 167 10.07 -8.09 6.06
CA LYS A 167 10.74 -8.47 4.81
C LYS A 167 9.89 -8.00 3.63
N PRO A 168 10.45 -7.27 2.69
CA PRO A 168 9.63 -6.78 1.57
C PRO A 168 9.17 -7.92 0.70
N GLN A 169 7.98 -7.74 0.12
CA GLN A 169 7.53 -8.60 -0.95
C GLN A 169 8.52 -8.54 -2.10
N THR A 170 8.77 -9.70 -2.71
CA THR A 170 9.42 -9.73 -4.01
C THR A 170 8.42 -9.34 -5.09
N GLN A 171 8.92 -8.79 -6.19
CA GLN A 171 8.09 -8.48 -7.35
C GLN A 171 8.01 -9.72 -8.22
N GLY A 172 6.93 -10.48 -8.09
CA GLY A 172 6.81 -11.81 -8.64
C GLY A 172 7.29 -12.88 -7.67
N LEU A 173 6.84 -14.12 -7.90
CA LEU A 173 7.21 -15.23 -7.02
C LEU A 173 8.58 -15.79 -7.37
N ALA A 174 8.97 -15.72 -8.64
CA ALA A 174 10.27 -16.15 -9.11
C ALA A 174 10.48 -15.49 -10.46
N LYS A 175 11.72 -15.49 -10.91
CA LYS A 175 11.96 -15.07 -12.28
C LYS A 175 11.14 -15.96 -13.22
N ASP A 176 10.34 -15.33 -14.07
CA ASP A 176 9.55 -16.00 -15.11
C ASP A 176 8.42 -16.86 -14.57
N ALA A 177 8.10 -16.77 -13.27
CA ALA A 177 6.88 -17.39 -12.76
C ALA A 177 5.69 -16.49 -13.05
N TRP A 178 4.71 -17.01 -13.79
CA TRP A 178 3.49 -16.24 -14.05
C TRP A 178 2.29 -17.19 -14.12
N GLU A 179 2.16 -17.96 -15.20
CA GLU A 179 1.18 -19.04 -15.23
C GLU A 179 1.77 -20.24 -14.51
N ILE A 180 1.23 -20.57 -13.33
CA ILE A 180 1.86 -21.59 -12.49
C ILE A 180 0.98 -22.82 -12.36
N PRO A 181 1.55 -23.99 -12.09
CA PRO A 181 0.71 -25.18 -11.90
C PRO A 181 -0.05 -25.09 -10.58
N ARG A 182 -1.30 -25.58 -10.60
CA ARG A 182 -2.13 -25.56 -9.41
C ARG A 182 -1.44 -26.22 -8.23
N GLU A 183 -0.63 -27.24 -8.49
CA GLU A 183 0.01 -28.02 -7.45
C GLU A 183 1.01 -27.20 -6.64
N SER A 184 1.53 -26.12 -7.20
CA SER A 184 2.49 -25.28 -6.49
C SER A 184 1.84 -24.48 -5.37
N LEU A 185 0.51 -24.54 -5.25
CA LEU A 185 -0.22 -23.75 -4.28
C LEU A 185 -0.85 -24.64 -3.23
N ARG A 186 -0.80 -24.20 -1.98
CA ARG A 186 -1.40 -24.91 -0.86
C ARG A 186 -2.36 -23.94 -0.19
N LEU A 187 -3.66 -24.22 -0.26
CA LEU A 187 -4.66 -23.35 0.33
C LEU A 187 -4.84 -23.76 1.77
N GLU A 188 -4.56 -22.83 2.71
CA GLU A 188 -4.53 -23.11 4.14
C GLU A 188 -5.77 -22.62 4.87
N VAL A 189 -6.06 -21.33 4.79
CA VAL A 189 -7.16 -20.75 5.56
C VAL A 189 -8.11 -20.06 4.60
N LYS A 190 -9.39 -20.42 4.69
CA LYS A 190 -10.41 -19.80 3.85
C LYS A 190 -10.83 -18.51 4.54
N LEU A 191 -10.51 -17.38 3.93
CA LEU A 191 -10.84 -16.11 4.57
C LEU A 191 -12.28 -15.71 4.30
N GLY A 192 -12.85 -16.16 3.20
CA GLY A 192 -14.28 -15.97 2.99
C GLY A 192 -14.70 -16.35 1.58
N GLN A 193 -15.98 -16.15 1.33
CA GLN A 193 -16.57 -16.29 0.01
C GLN A 193 -17.10 -14.96 -0.49
N GLY A 194 -16.86 -14.69 -1.77
CA GLY A 194 -17.55 -13.64 -2.49
C GLY A 194 -18.66 -14.24 -3.37
N CYS A 195 -19.31 -13.35 -4.12
CA CYS A 195 -20.39 -13.80 -5.01
C CYS A 195 -19.88 -14.76 -6.08
N PHE A 196 -18.61 -14.64 -6.49
CA PHE A 196 -18.10 -15.39 -7.62
C PHE A 196 -16.86 -16.21 -7.28
N GLY A 197 -16.55 -16.40 -6.00
CA GLY A 197 -15.48 -17.29 -5.63
C GLY A 197 -15.07 -17.08 -4.19
N GLU A 198 -13.86 -17.54 -3.87
CA GLU A 198 -13.36 -17.61 -2.51
C GLU A 198 -12.00 -16.96 -2.40
N VAL A 199 -11.69 -16.50 -1.19
CA VAL A 199 -10.40 -15.91 -0.83
C VAL A 199 -9.74 -16.77 0.24
N TRP A 200 -8.47 -17.10 0.03
CA TRP A 200 -7.71 -18.00 0.87
C TRP A 200 -6.39 -17.34 1.26
N MET A 201 -5.89 -17.69 2.44
CA MET A 201 -4.47 -17.52 2.74
C MET A 201 -3.77 -18.83 2.43
N GLY A 202 -2.66 -18.75 1.71
CA GLY A 202 -1.94 -19.97 1.39
C GLY A 202 -0.44 -19.82 1.23
N THR A 203 0.17 -20.83 0.60
CA THR A 203 1.61 -20.89 0.39
C THR A 203 1.90 -21.36 -1.03
N TRP A 204 2.86 -20.71 -1.68
CA TRP A 204 3.40 -21.14 -2.97
C TRP A 204 4.76 -21.78 -2.78
N ASN A 205 4.94 -22.97 -3.35
CA ASN A 205 6.22 -23.68 -3.34
C ASN A 205 6.76 -23.94 -1.94
N GLY A 206 5.87 -24.16 -0.97
CA GLY A 206 6.27 -24.44 0.41
C GLY A 206 7.00 -23.33 1.12
N THR A 207 7.14 -22.16 0.50
CA THR A 207 7.99 -21.10 1.03
C THR A 207 7.24 -19.79 1.23
N THR A 208 6.42 -19.39 0.25
CA THR A 208 5.99 -18.01 0.12
C THR A 208 4.53 -17.89 0.50
N ARG A 209 4.26 -17.06 1.50
CA ARG A 209 2.89 -16.76 1.91
C ARG A 209 2.22 -15.85 0.88
N VAL A 210 1.02 -16.26 0.41
CA VAL A 210 0.28 -15.50 -0.59
C VAL A 210 -1.21 -15.50 -0.21
N ALA A 211 -1.97 -14.60 -0.85
CA ALA A 211 -3.42 -14.71 -0.91
C ALA A 211 -3.79 -15.42 -2.20
N ILE A 212 -4.80 -16.27 -2.15
CA ILE A 212 -5.29 -16.92 -3.35
C ILE A 212 -6.79 -16.68 -3.47
N LYS A 213 -7.19 -16.08 -4.58
CA LYS A 213 -8.59 -15.90 -4.94
C LYS A 213 -8.94 -16.94 -6.00
N THR A 214 -10.04 -17.65 -5.77
CA THR A 214 -10.51 -18.69 -6.68
C THR A 214 -11.86 -18.28 -7.27
N LEU A 215 -12.06 -18.54 -8.54
CA LEU A 215 -13.30 -18.17 -9.22
C LEU A 215 -14.09 -19.42 -9.58
N LYS A 216 -15.38 -19.41 -9.30
CA LYS A 216 -16.26 -20.49 -9.74
C LYS A 216 -16.13 -20.68 -11.25
N PRO A 217 -16.01 -21.92 -11.74
CA PRO A 217 -16.06 -22.16 -13.19
C PRO A 217 -17.33 -21.55 -13.78
N GLY A 218 -17.21 -21.01 -14.99
CA GLY A 218 -18.28 -20.29 -15.64
C GLY A 218 -18.24 -18.78 -15.44
N THR A 219 -17.47 -18.31 -14.45
CA THR A 219 -17.43 -16.87 -14.14
C THR A 219 -16.89 -16.06 -15.30
N MET A 220 -15.80 -16.51 -15.93
CA MET A 220 -15.15 -15.72 -16.96
C MET A 220 -14.28 -16.64 -17.79
N SER A 221 -14.12 -16.27 -19.05
CA SER A 221 -13.30 -17.04 -19.96
C SER A 221 -11.84 -17.04 -19.49
N PRO A 222 -11.23 -18.20 -19.27
CA PRO A 222 -9.80 -18.22 -18.90
C PRO A 222 -8.91 -17.46 -19.86
N GLU A 223 -9.19 -17.53 -21.17
CA GLU A 223 -8.40 -16.82 -22.16
C GLU A 223 -8.56 -15.31 -22.00
N ALA A 224 -9.79 -14.83 -21.85
CA ALA A 224 -10.03 -13.40 -21.64
C ALA A 224 -9.37 -12.92 -20.36
N PHE A 225 -9.40 -13.74 -19.31
CA PHE A 225 -8.77 -13.34 -18.07
C PHE A 225 -7.25 -13.27 -18.24
N LEU A 226 -6.66 -14.20 -18.97
CA LEU A 226 -5.21 -14.14 -19.20
C LEU A 226 -4.82 -12.85 -19.90
N GLN A 227 -5.60 -12.44 -20.89
CA GLN A 227 -5.27 -11.23 -21.64
C GLN A 227 -5.37 -10.01 -20.74
N GLU A 228 -6.43 -9.91 -19.94
CA GLU A 228 -6.54 -8.82 -18.99
C GLU A 228 -5.46 -8.88 -17.93
N ALA A 229 -5.15 -10.10 -17.42
CA ALA A 229 -4.13 -10.21 -16.37
C ALA A 229 -2.78 -9.71 -16.83
N GLN A 230 -2.53 -9.68 -18.14
CA GLN A 230 -1.32 -9.06 -18.69
C GLN A 230 -1.28 -7.58 -18.36
N VAL A 231 -2.43 -6.90 -18.48
CA VAL A 231 -2.49 -5.48 -18.15
C VAL A 231 -2.33 -5.28 -16.64
N MET A 232 -3.09 -6.04 -15.84
CA MET A 232 -3.05 -5.84 -14.40
C MET A 232 -1.65 -6.07 -13.85
N LYS A 233 -0.94 -7.06 -14.40
CA LYS A 233 0.43 -7.37 -14.02
C LYS A 233 1.30 -6.12 -14.05
N LYS A 234 1.04 -5.22 -14.99
CA LYS A 234 1.87 -4.04 -15.19
C LYS A 234 1.52 -2.89 -14.26
N LEU A 235 0.45 -3.00 -13.49
CA LEU A 235 0.09 -1.96 -12.53
C LEU A 235 0.85 -2.21 -11.24
N ARG A 236 1.82 -1.35 -10.94
CA ARG A 236 2.69 -1.57 -9.79
C ARG A 236 2.73 -0.29 -8.98
N HIS A 237 2.24 -0.38 -7.75
CA HIS A 237 2.22 0.79 -6.88
C HIS A 237 2.08 0.31 -5.45
N GLU A 238 2.69 1.05 -4.52
CA GLU A 238 2.65 0.60 -3.13
C GLU A 238 1.23 0.56 -2.57
N LYS A 239 0.26 1.27 -3.15
CA LYS A 239 -1.10 1.22 -2.63
C LYS A 239 -2.03 0.32 -3.46
N LEU A 240 -1.48 -0.49 -4.36
CA LEU A 240 -2.21 -1.52 -5.09
C LEU A 240 -1.70 -2.88 -4.63
N VAL A 241 -2.63 -3.79 -4.32
CA VAL A 241 -2.27 -5.19 -4.06
C VAL A 241 -1.63 -5.77 -5.31
N GLN A 242 -0.40 -6.26 -5.17
CA GLN A 242 0.32 -6.74 -6.35
C GLN A 242 -0.26 -8.07 -6.83
N LEU A 243 -0.33 -8.24 -8.14
CA LEU A 243 -0.76 -9.49 -8.75
C LEU A 243 0.47 -10.32 -9.12
N TYR A 244 0.61 -11.48 -8.49
CA TYR A 244 1.80 -12.33 -8.55
C TYR A 244 1.74 -13.36 -9.68
N ALA A 245 0.64 -14.11 -9.78
CA ALA A 245 0.62 -15.28 -10.63
C ALA A 245 -0.82 -15.71 -10.82
N VAL A 246 -1.02 -16.62 -11.77
CA VAL A 246 -2.36 -17.13 -12.03
C VAL A 246 -2.29 -18.61 -12.38
N VAL A 247 -3.30 -19.36 -11.94
CA VAL A 247 -3.59 -20.68 -12.50
C VAL A 247 -4.73 -20.48 -13.50
N SER A 248 -4.46 -20.68 -14.78
CA SER A 248 -5.35 -20.23 -15.83
C SER A 248 -6.45 -21.24 -16.19
N GLU A 249 -6.39 -22.49 -15.75
CA GLU A 249 -7.49 -23.42 -15.97
C GLU A 249 -8.56 -23.24 -14.89
N GLU A 250 -9.80 -23.47 -15.29
CA GLU A 250 -10.91 -23.40 -14.33
C GLU A 250 -10.79 -24.53 -13.31
N PRO A 251 -11.02 -24.27 -12.00
CA PRO A 251 -11.33 -22.93 -11.47
C PRO A 251 -10.08 -22.06 -11.39
N ILE A 252 -10.16 -20.88 -12.01
CA ILE A 252 -9.05 -19.94 -12.03
C ILE A 252 -8.63 -19.58 -10.60
N TYR A 253 -7.32 -19.63 -10.35
CA TYR A 253 -6.73 -19.14 -9.11
C TYR A 253 -5.96 -17.87 -9.43
N ILE A 254 -6.18 -16.83 -8.61
CA ILE A 254 -5.48 -15.55 -8.74
C ILE A 254 -4.63 -15.37 -7.49
N VAL A 255 -3.31 -15.29 -7.68
CA VAL A 255 -2.36 -15.27 -6.56
C VAL A 255 -1.87 -13.83 -6.37
N THR A 256 -2.02 -13.32 -5.14
CA THR A 256 -1.71 -11.91 -4.90
C THR A 256 -0.96 -11.75 -3.59
N GLU A 257 -0.48 -10.53 -3.38
CA GLU A 257 0.18 -10.15 -2.15
C GLU A 257 -0.76 -10.36 -0.96
N TYR A 258 -0.28 -11.06 0.08
CA TYR A 258 -1.09 -11.29 1.27
C TYR A 258 -1.17 -10.02 2.11
N MET A 259 -2.37 -9.69 2.57
CA MET A 259 -2.58 -8.51 3.39
C MET A 259 -3.12 -8.96 4.75
N SER A 260 -2.35 -8.71 5.81
CA SER A 260 -2.54 -9.47 7.04
C SER A 260 -3.82 -9.13 7.81
N LYS A 261 -4.41 -7.95 7.61
CA LYS A 261 -5.55 -7.55 8.43
C LYS A 261 -6.90 -7.69 7.73
N GLY A 262 -6.95 -8.25 6.52
CA GLY A 262 -8.21 -8.50 5.84
C GLY A 262 -8.83 -7.28 5.17
N SER A 263 -10.10 -7.39 4.82
CA SER A 263 -10.76 -6.33 4.08
C SER A 263 -11.05 -5.14 4.96
N LEU A 264 -11.00 -3.96 4.36
CA LEU A 264 -11.29 -2.73 5.09
C LEU A 264 -12.70 -2.77 5.70
N LEU A 265 -13.69 -3.27 4.94
CA LEU A 265 -15.07 -3.34 5.45
C LEU A 265 -15.12 -4.12 6.77
N ASP A 266 -14.54 -5.33 6.81
CA ASP A 266 -14.52 -6.10 8.06
C ASP A 266 -13.72 -5.36 9.14
N PHE A 267 -12.58 -4.80 8.75
CA PHE A 267 -11.77 -4.04 9.70
C PHE A 267 -12.57 -2.92 10.35
N LEU A 268 -13.36 -2.19 9.56
CA LEU A 268 -14.16 -1.08 10.07
C LEU A 268 -15.27 -1.55 10.98
N LYS A 269 -15.84 -2.73 10.70
CA LYS A 269 -16.95 -3.24 11.46
C LYS A 269 -16.50 -3.99 12.69
N GLY A 270 -15.22 -4.35 12.75
CA GLY A 270 -14.70 -5.17 13.82
C GLY A 270 -14.20 -4.36 14.99
N GLU A 271 -13.46 -5.05 15.86
CA GLU A 271 -13.11 -4.49 17.15
C GLU A 271 -12.04 -3.41 17.02
N THR A 272 -11.08 -3.59 16.10
CA THR A 272 -10.06 -2.57 15.91
C THR A 272 -10.66 -1.29 15.31
N GLY A 273 -11.66 -1.45 14.44
CA GLY A 273 -12.27 -0.28 13.83
C GLY A 273 -13.06 0.58 14.80
N LYS A 274 -13.56 -0.03 15.87
CA LYS A 274 -14.30 0.70 16.90
C LYS A 274 -13.56 1.96 17.36
N TYR A 275 -12.24 1.88 17.47
CA TYR A 275 -11.45 2.92 18.12
C TYR A 275 -10.72 3.85 17.15
N LEU A 276 -11.03 3.81 15.86
CA LEU A 276 -10.26 4.61 14.92
C LEU A 276 -10.62 6.08 15.07
N ARG A 277 -9.62 6.94 15.17
CA ARG A 277 -9.83 8.37 15.18
C ARG A 277 -9.99 8.87 13.74
N LEU A 278 -10.71 9.98 13.58
CA LEU A 278 -10.84 10.55 12.24
C LEU A 278 -9.52 10.74 11.51
N PRO A 279 -8.43 11.25 12.11
CA PRO A 279 -7.17 11.33 11.36
C PRO A 279 -6.71 10.01 10.80
N GLN A 280 -6.99 8.90 11.48
CA GLN A 280 -6.64 7.58 10.97
C GLN A 280 -7.51 7.22 9.77
N LEU A 281 -8.83 7.45 9.88
CA LEU A 281 -9.72 7.16 8.76
C LEU A 281 -9.38 8.02 7.54
N VAL A 282 -9.01 9.27 7.76
CA VAL A 282 -8.65 10.15 6.63
C VAL A 282 -7.33 9.70 6.00
N ASP A 283 -6.36 9.28 6.82
CA ASP A 283 -5.13 8.72 6.27
C ASP A 283 -5.42 7.46 5.45
N MET A 284 -6.33 6.61 5.92
CA MET A 284 -6.71 5.44 5.12
C MET A 284 -7.35 5.87 3.80
N ALA A 285 -8.25 6.86 3.84
CA ALA A 285 -8.83 7.37 2.61
C ALA A 285 -7.76 7.92 1.68
N ALA A 286 -6.77 8.62 2.25
CA ALA A 286 -5.71 9.22 1.44
C ALA A 286 -4.89 8.15 0.72
N GLN A 287 -4.71 6.98 1.37
CA GLN A 287 -3.93 5.92 0.75
C GLN A 287 -4.68 5.30 -0.41
N ILE A 288 -5.98 5.10 -0.23
CA ILE A 288 -6.83 4.61 -1.31
C ILE A 288 -6.81 5.56 -2.49
N ALA A 289 -7.01 6.86 -2.21
CA ALA A 289 -6.98 7.84 -3.28
C ALA A 289 -5.65 7.84 -4.00
N SER A 290 -4.55 7.57 -3.27
CA SER A 290 -3.24 7.52 -3.89
C SER A 290 -3.10 6.34 -4.82
N GLY A 291 -3.57 5.17 -4.41
CA GLY A 291 -3.62 4.04 -5.33
C GLY A 291 -4.51 4.32 -6.54
N MET A 292 -5.66 4.96 -6.33
CA MET A 292 -6.52 5.24 -7.48
C MET A 292 -5.96 6.38 -8.33
N ALA A 293 -5.20 7.29 -7.72
CA ALA A 293 -4.55 8.33 -8.51
C ALA A 293 -3.54 7.70 -9.49
N TYR A 294 -2.84 6.66 -9.04
CA TYR A 294 -1.98 5.88 -9.93
C TYR A 294 -2.79 5.20 -11.03
N VAL A 295 -3.90 4.54 -10.67
CA VAL A 295 -4.78 3.91 -11.67
C VAL A 295 -5.22 4.95 -12.71
N GLU A 296 -5.56 6.15 -12.23
CA GLU A 296 -5.98 7.25 -13.11
C GLU A 296 -4.86 7.66 -14.08
N ARG A 297 -3.63 7.80 -13.57
CA ARG A 297 -2.47 8.13 -14.42
C ARG A 297 -2.22 7.04 -15.45
N MET A 298 -2.46 5.80 -15.10
CA MET A 298 -2.25 4.71 -16.04
C MET A 298 -3.45 4.51 -16.95
N ASN A 299 -4.44 5.40 -16.91
CA ASN A 299 -5.65 5.29 -17.72
C ASN A 299 -6.32 3.93 -17.55
N TYR A 300 -6.37 3.45 -16.31
CA TYR A 300 -7.08 2.22 -15.99
C TYR A 300 -8.39 2.57 -15.30
N VAL A 301 -9.22 1.54 -15.07
CA VAL A 301 -10.50 1.68 -14.36
C VAL A 301 -10.60 0.53 -13.38
N HIS A 302 -11.05 0.82 -12.15
CA HIS A 302 -11.21 -0.24 -11.17
C HIS A 302 -12.48 -1.04 -11.41
N ARG A 303 -13.62 -0.34 -11.44
CA ARG A 303 -14.98 -0.84 -11.68
C ARG A 303 -15.72 -1.30 -10.43
N ASP A 304 -15.02 -1.62 -9.34
CA ASP A 304 -15.77 -1.96 -8.12
C ASP A 304 -15.05 -1.49 -6.86
N LEU A 305 -14.93 -0.19 -6.72
CA LEU A 305 -14.14 0.41 -5.64
C LEU A 305 -15.04 0.58 -4.42
N ARG A 306 -14.87 -0.27 -3.42
CA ARG A 306 -15.62 -0.12 -2.19
C ARG A 306 -14.81 -0.77 -1.09
N ALA A 307 -15.26 -0.59 0.15
CA ALA A 307 -14.46 -1.03 1.29
C ALA A 307 -14.25 -2.55 1.30
N ALA A 308 -15.16 -3.31 0.68
CA ALA A 308 -14.95 -4.75 0.57
C ALA A 308 -13.75 -5.09 -0.30
N ASN A 309 -13.35 -4.18 -1.21
CA ASN A 309 -12.27 -4.44 -2.14
C ASN A 309 -11.01 -3.64 -1.81
N ILE A 310 -10.90 -3.17 -0.57
CA ILE A 310 -9.69 -2.56 -0.03
C ILE A 310 -9.13 -3.51 1.02
N LEU A 311 -7.83 -3.74 0.98
CA LEU A 311 -7.21 -4.66 1.93
C LEU A 311 -6.30 -3.91 2.88
N VAL A 312 -6.26 -4.36 4.13
CA VAL A 312 -5.55 -3.66 5.20
C VAL A 312 -4.36 -4.51 5.66
N GLY A 313 -3.22 -3.87 5.87
CA GLY A 313 -2.05 -4.53 6.42
C GLY A 313 -1.61 -3.94 7.73
N GLU A 314 -0.35 -4.13 8.10
CA GLU A 314 0.13 -3.58 9.37
C GLU A 314 0.21 -2.06 9.31
N ASN A 315 -0.01 -1.42 10.47
CA ASN A 315 0.08 0.04 10.62
C ASN A 315 -0.95 0.77 9.76
N LEU A 316 -2.10 0.13 9.55
CA LEU A 316 -3.21 0.71 8.78
C LEU A 316 -2.79 1.03 7.35
N VAL A 317 -1.83 0.28 6.80
CA VAL A 317 -1.63 0.32 5.36
C VAL A 317 -2.91 -0.16 4.69
N CYS A 318 -3.41 0.60 3.72
CA CYS A 318 -4.54 0.22 2.89
C CYS A 318 -4.11 0.13 1.44
N LYS A 319 -4.55 -0.91 0.74
CA LYS A 319 -4.26 -1.08 -0.68
C LYS A 319 -5.51 -1.50 -1.45
N VAL A 320 -5.55 -1.09 -2.72
CA VAL A 320 -6.70 -1.38 -3.57
C VAL A 320 -6.54 -2.77 -4.18
N ALA A 321 -7.57 -3.59 -4.06
CA ALA A 321 -7.52 -4.95 -4.59
C ALA A 321 -8.54 -5.16 -5.71
N ASP A 322 -8.24 -6.15 -6.55
CA ASP A 322 -9.15 -6.67 -7.57
C ASP A 322 -9.51 -5.65 -8.65
N PHE A 323 -8.66 -4.65 -8.87
CA PHE A 323 -8.89 -3.65 -9.91
C PHE A 323 -9.05 -4.33 -11.27
N GLY A 324 -10.08 -3.90 -12.03
CA GLY A 324 -10.31 -4.36 -13.38
C GLY A 324 -10.94 -5.74 -13.53
N LEU A 325 -11.03 -6.52 -12.46
CA LEU A 325 -11.51 -7.90 -12.58
C LEU A 325 -12.99 -7.96 -12.92
N ALA A 326 -13.78 -7.01 -12.44
CA ALA A 326 -15.23 -7.07 -12.62
C ALA A 326 -15.65 -6.89 -14.07
N ARG A 327 -14.82 -6.26 -14.89
CA ARG A 327 -15.14 -6.15 -16.32
C ARG A 327 -15.32 -7.52 -16.98
N LEU A 328 -14.71 -8.57 -16.46
CA LEU A 328 -14.68 -9.86 -17.15
C LEU A 328 -15.77 -10.83 -16.70
N ILE A 329 -16.53 -10.49 -15.66
CA ILE A 329 -17.55 -11.42 -15.17
C ILE A 329 -18.59 -11.66 -16.25
N GLU A 330 -18.82 -12.94 -16.58
CA GLU A 330 -19.78 -13.37 -17.59
C GLU A 330 -21.01 -13.98 -16.92
N ASP A 331 -21.73 -13.11 -16.24
CA ASP A 331 -23.07 -13.38 -15.76
C ASP A 331 -23.93 -12.32 -16.40
N ASN A 332 -25.03 -12.75 -17.05
CA ASN A 332 -25.83 -11.82 -17.83
C ASN A 332 -26.48 -10.77 -16.96
N GLU A 333 -26.99 -11.19 -15.80
CA GLU A 333 -27.59 -10.25 -14.86
C GLU A 333 -26.58 -9.22 -14.38
N TYR A 334 -25.45 -9.67 -13.84
CA TYR A 334 -24.43 -8.77 -13.34
C TYR A 334 -23.92 -7.85 -14.45
N THR A 335 -23.66 -8.41 -15.63
CA THR A 335 -23.20 -7.59 -16.76
C THR A 335 -24.23 -6.54 -17.15
N ALA A 336 -25.52 -6.79 -16.87
CA ALA A 336 -26.55 -5.79 -17.07
C ALA A 336 -26.68 -4.82 -15.88
N ARG A 337 -25.77 -4.88 -14.91
CA ARG A 337 -25.82 -4.06 -13.70
C ARG A 337 -27.12 -4.29 -12.94
N GLN A 338 -27.53 -5.55 -12.84
CA GLN A 338 -28.73 -5.99 -12.14
C GLN A 338 -28.39 -7.16 -11.23
N GLY A 339 -29.34 -7.52 -10.38
CA GLY A 339 -29.28 -8.75 -9.62
C GLY A 339 -28.61 -8.58 -8.28
N ALA A 340 -28.72 -9.65 -7.48
CA ALA A 340 -28.26 -9.65 -6.11
C ALA A 340 -26.75 -9.45 -5.98
N LYS A 341 -26.00 -9.76 -7.02
CA LYS A 341 -24.54 -9.73 -6.94
C LYS A 341 -23.93 -8.42 -7.37
N PHE A 342 -24.76 -7.42 -7.72
CA PHE A 342 -24.21 -6.21 -8.30
C PHE A 342 -24.34 -5.03 -7.33
N PRO A 343 -23.25 -4.34 -7.02
CA PRO A 343 -23.25 -3.32 -5.95
C PRO A 343 -23.82 -1.98 -6.41
N ILE A 344 -25.15 -1.95 -6.63
CA ILE A 344 -25.76 -0.75 -7.21
C ILE A 344 -25.54 0.47 -6.33
N LYS A 345 -25.43 0.26 -5.00
CA LYS A 345 -25.30 1.40 -4.10
C LYS A 345 -23.96 2.13 -4.23
N TRP A 346 -22.96 1.54 -4.88
CA TRP A 346 -21.70 2.21 -5.14
C TRP A 346 -21.55 2.69 -6.58
N THR A 347 -22.59 2.52 -7.41
CA THR A 347 -22.46 2.63 -8.86
C THR A 347 -23.03 3.96 -9.37
N ALA A 348 -22.19 4.71 -10.07
CA ALA A 348 -22.61 5.95 -10.71
C ALA A 348 -23.74 5.67 -11.68
N PRO A 349 -24.70 6.59 -11.82
CA PRO A 349 -25.87 6.30 -12.67
C PRO A 349 -25.52 6.03 -14.13
N GLU A 350 -24.53 6.75 -14.69
CA GLU A 350 -24.17 6.48 -16.09
C GLU A 350 -23.56 5.10 -16.27
N ALA A 351 -22.92 4.56 -15.23
CA ALA A 351 -22.43 3.19 -15.31
C ALA A 351 -23.59 2.22 -15.23
N ALA A 352 -24.50 2.42 -14.25
CA ALA A 352 -25.64 1.52 -14.09
C ALA A 352 -26.55 1.57 -15.31
N LEU A 353 -26.89 2.77 -15.78
CA LEU A 353 -27.87 2.93 -16.86
C LEU A 353 -27.28 2.55 -18.21
N TYR A 354 -26.04 2.93 -18.49
CA TYR A 354 -25.48 2.76 -19.83
C TYR A 354 -24.24 1.87 -19.89
N GLY A 355 -23.78 1.32 -18.76
CA GLY A 355 -22.57 0.53 -18.79
C GLY A 355 -21.30 1.33 -19.00
N ARG A 356 -21.36 2.65 -18.82
CA ARG A 356 -20.18 3.51 -19.01
C ARG A 356 -19.38 3.54 -17.72
N PHE A 357 -18.46 2.59 -17.59
CA PHE A 357 -17.57 2.53 -16.43
C PHE A 357 -16.29 3.25 -16.78
N THR A 358 -15.91 4.22 -15.94
CA THR A 358 -14.72 5.04 -16.21
C THR A 358 -14.07 5.39 -14.89
N ILE A 359 -12.92 6.05 -14.99
CA ILE A 359 -12.27 6.53 -13.78
C ILE A 359 -13.22 7.45 -13.01
N LYS A 360 -14.14 8.12 -13.71
CA LYS A 360 -15.06 9.02 -13.00
C LYS A 360 -16.18 8.26 -12.31
N SER A 361 -16.56 7.07 -12.80
CA SER A 361 -17.49 6.28 -11.98
C SER A 361 -16.76 5.63 -10.82
N ASP A 362 -15.44 5.41 -10.92
CA ASP A 362 -14.68 5.06 -9.72
C ASP A 362 -14.66 6.21 -8.71
N VAL A 363 -14.57 7.46 -9.18
CA VAL A 363 -14.62 8.60 -8.27
C VAL A 363 -15.95 8.59 -7.51
N TRP A 364 -17.05 8.38 -8.22
CA TRP A 364 -18.34 8.22 -7.55
C TRP A 364 -18.29 7.15 -6.46
N SER A 365 -17.82 5.95 -6.81
CA SER A 365 -17.73 4.86 -5.84
C SER A 365 -16.86 5.23 -4.65
N PHE A 366 -15.76 5.93 -4.90
CA PHE A 366 -14.91 6.41 -3.81
C PHE A 366 -15.70 7.30 -2.87
N GLY A 367 -16.57 8.16 -3.43
CA GLY A 367 -17.44 8.97 -2.60
C GLY A 367 -18.27 8.12 -1.66
N ILE A 368 -18.84 7.03 -2.17
CA ILE A 368 -19.62 6.12 -1.32
C ILE A 368 -18.71 5.42 -0.31
N LEU A 369 -17.51 5.00 -0.75
CA LEU A 369 -16.53 4.39 0.15
C LEU A 369 -16.24 5.29 1.34
N LEU A 370 -16.16 6.61 1.11
CA LEU A 370 -15.93 7.53 2.22
C LEU A 370 -17.05 7.46 3.25
N THR A 371 -18.30 7.19 2.83
CA THR A 371 -19.35 7.03 3.85
C THR A 371 -19.12 5.78 4.66
N GLU A 372 -18.71 4.67 4.03
CA GLU A 372 -18.36 3.49 4.82
C GLU A 372 -17.24 3.81 5.81
N LEU A 373 -16.26 4.61 5.39
CA LEU A 373 -15.12 4.93 6.23
C LEU A 373 -15.54 5.69 7.48
N THR A 374 -16.41 6.69 7.32
CA THR A 374 -16.82 7.51 8.44
C THR A 374 -18.02 6.94 9.22
N THR A 375 -18.64 5.85 8.76
CA THR A 375 -19.72 5.25 9.54
C THR A 375 -19.35 3.88 10.12
N LYS A 376 -18.06 3.53 10.14
CA LYS A 376 -17.61 2.20 10.60
C LYS A 376 -18.25 1.08 9.77
N GLY A 377 -18.39 1.30 8.47
CA GLY A 377 -18.82 0.23 7.58
C GLY A 377 -20.32 0.05 7.42
N ARG A 378 -21.12 1.05 7.79
CA ARG A 378 -22.55 0.96 7.60
C ARG A 378 -22.87 0.86 6.10
N VAL A 379 -23.93 0.14 5.79
CA VAL A 379 -24.33 0.05 4.39
C VAL A 379 -24.79 1.42 3.91
N PRO A 380 -24.42 1.83 2.70
CA PRO A 380 -24.86 3.12 2.15
C PRO A 380 -26.37 3.18 1.96
N TYR A 381 -26.89 4.44 1.88
CA TYR A 381 -28.30 4.74 1.72
C TYR A 381 -29.11 4.03 2.81
N PRO A 382 -28.95 4.41 4.07
CA PRO A 382 -29.52 3.63 5.18
C PRO A 382 -30.92 3.09 4.96
N GLY A 383 -31.89 3.94 4.62
CA GLY A 383 -33.25 3.41 4.52
C GLY A 383 -33.57 2.57 3.29
N MET A 384 -32.76 2.62 2.24
CA MET A 384 -33.20 2.14 0.93
C MET A 384 -32.88 0.68 0.65
N VAL A 385 -33.81 0.00 -0.01
CA VAL A 385 -33.51 -1.29 -0.63
C VAL A 385 -32.80 -1.06 -1.95
N ASN A 386 -32.04 -2.06 -2.38
CA ASN A 386 -31.25 -1.93 -3.60
C ASN A 386 -32.13 -1.61 -4.81
N ARG A 387 -33.36 -2.17 -4.84
CA ARG A 387 -34.29 -2.00 -5.95
C ARG A 387 -34.64 -0.54 -6.22
N GLU A 388 -34.68 0.29 -5.18
CA GLU A 388 -35.08 1.68 -5.34
C GLU A 388 -33.90 2.63 -5.52
N VAL A 389 -32.66 2.17 -5.35
CA VAL A 389 -31.50 3.07 -5.30
C VAL A 389 -31.37 3.84 -6.60
N LEU A 390 -31.35 3.13 -7.74
CA LEU A 390 -30.99 3.80 -8.98
C LEU A 390 -32.04 4.84 -9.35
N ASP A 391 -33.31 4.55 -9.11
CA ASP A 391 -34.34 5.53 -9.41
C ASP A 391 -34.18 6.77 -8.54
N GLN A 392 -33.86 6.59 -7.26
CA GLN A 392 -33.69 7.77 -6.40
C GLN A 392 -32.46 8.56 -6.81
N VAL A 393 -31.36 7.89 -7.08
CA VAL A 393 -30.13 8.59 -7.43
C VAL A 393 -30.30 9.31 -8.77
N GLU A 394 -30.94 8.66 -9.74
CA GLU A 394 -31.20 9.29 -11.02
C GLU A 394 -32.10 10.53 -10.86
N ARG A 395 -33.04 10.49 -9.92
CA ARG A 395 -33.84 11.69 -9.67
C ARG A 395 -33.06 12.78 -8.94
N GLY A 396 -31.82 12.50 -8.51
CA GLY A 396 -30.97 13.50 -7.89
C GLY A 396 -30.81 13.37 -6.38
N TYR A 397 -31.38 12.34 -5.76
CA TYR A 397 -31.15 12.08 -4.35
C TYR A 397 -29.67 11.77 -4.07
N ARG A 398 -29.15 12.34 -2.99
CA ARG A 398 -27.83 12.01 -2.48
C ARG A 398 -27.91 11.82 -0.97
N MET A 399 -27.07 10.96 -0.44
CA MET A 399 -27.01 10.77 1.00
C MET A 399 -26.72 12.11 1.68
N PRO A 400 -27.41 12.42 2.77
CA PRO A 400 -27.00 13.57 3.58
C PRO A 400 -25.74 13.24 4.36
N CYS A 401 -25.17 14.25 5.00
CA CYS A 401 -23.98 14.02 5.81
C CYS A 401 -24.27 12.98 6.89
N PRO A 402 -23.51 11.89 6.97
CA PRO A 402 -23.67 10.99 8.10
C PRO A 402 -23.39 11.73 9.39
N PRO A 403 -24.05 11.31 10.48
CA PRO A 403 -23.90 12.06 11.74
C PRO A 403 -22.48 12.11 12.26
N GLU A 404 -21.71 11.05 12.04
CA GLU A 404 -20.34 11.02 12.52
C GLU A 404 -19.35 11.67 11.55
N CYS A 405 -19.80 12.10 10.38
CA CYS A 405 -18.89 12.59 9.35
C CYS A 405 -18.79 14.11 9.40
N PRO A 406 -17.60 14.70 9.35
CA PRO A 406 -17.52 16.16 9.28
C PRO A 406 -18.06 16.71 7.97
N GLU A 407 -18.65 17.91 8.03
CA GLU A 407 -19.25 18.51 6.85
C GLU A 407 -18.26 18.64 5.70
N SER A 408 -16.98 18.88 5.99
CA SER A 408 -16.03 19.08 4.91
C SER A 408 -15.81 17.79 4.11
N LEU A 409 -15.87 16.62 4.76
CA LEU A 409 -15.76 15.37 3.99
C LEU A 409 -17.04 15.06 3.25
N HIS A 410 -18.19 15.46 3.78
CA HIS A 410 -19.42 15.27 3.03
C HIS A 410 -19.45 16.18 1.81
N ASP A 411 -18.90 17.39 1.94
CA ASP A 411 -18.76 18.23 0.76
C ASP A 411 -17.95 17.54 -0.31
N LEU A 412 -16.85 16.89 0.10
CA LEU A 412 -16.05 16.10 -0.83
C LEU A 412 -16.87 14.96 -1.44
N MET A 413 -17.64 14.22 -0.62
CA MET A 413 -18.51 13.17 -1.16
C MET A 413 -19.44 13.72 -2.24
N CYS A 414 -20.06 14.86 -1.97
CA CYS A 414 -20.99 15.43 -2.91
C CYS A 414 -20.32 15.80 -4.22
N GLN A 415 -19.04 16.19 -4.17
CA GLN A 415 -18.33 16.45 -5.42
C GLN A 415 -18.16 15.16 -6.21
N CYS A 416 -17.85 14.06 -5.51
CA CYS A 416 -17.72 12.76 -6.15
C CYS A 416 -19.02 12.30 -6.77
N TRP A 417 -20.14 12.78 -6.24
CA TRP A 417 -21.45 12.36 -6.70
C TRP A 417 -22.10 13.35 -7.65
N ARG A 418 -21.34 14.22 -8.30
CA ARG A 418 -21.97 15.08 -9.29
C ARG A 418 -22.59 14.23 -10.40
N LYS A 419 -23.72 14.70 -10.91
CA LYS A 419 -24.40 13.96 -11.97
C LYS A 419 -23.50 13.79 -13.18
N GLU A 420 -22.79 14.83 -13.59
CA GLU A 420 -21.98 14.74 -14.80
C GLU A 420 -20.60 14.20 -14.47
N PRO A 421 -20.20 13.07 -15.04
CA PRO A 421 -18.86 12.51 -14.74
C PRO A 421 -17.74 13.53 -14.82
N GLU A 422 -17.77 14.42 -15.81
CA GLU A 422 -16.63 15.32 -16.00
C GLU A 422 -16.63 16.49 -15.03
N GLU A 423 -17.65 16.61 -14.18
CA GLU A 423 -17.67 17.55 -13.06
C GLU A 423 -17.11 16.96 -11.77
N ARG A 424 -16.86 15.64 -11.73
CA ARG A 424 -16.37 15.08 -10.48
C ARG A 424 -14.88 15.35 -10.34
N PRO A 425 -14.34 15.37 -9.12
CA PRO A 425 -12.91 15.65 -8.97
C PRO A 425 -12.07 14.50 -9.52
N THR A 426 -10.76 14.78 -9.67
CA THR A 426 -9.79 13.75 -10.02
C THR A 426 -9.34 13.03 -8.76
N PHE A 427 -8.87 11.78 -8.92
CA PHE A 427 -8.18 11.15 -7.80
C PHE A 427 -6.89 11.89 -7.42
N GLU A 428 -6.24 12.55 -8.39
CA GLU A 428 -5.11 13.40 -8.03
C GLU A 428 -5.55 14.44 -7.00
N TYR A 429 -6.72 15.06 -7.21
CA TYR A 429 -7.18 16.06 -6.25
C TYR A 429 -7.63 15.43 -4.94
N LEU A 430 -8.38 14.33 -5.02
CA LEU A 430 -8.85 13.63 -3.81
C LEU A 430 -7.68 13.27 -2.90
N GLN A 431 -6.61 12.72 -3.47
CA GLN A 431 -5.44 12.40 -2.67
C GLN A 431 -4.86 13.65 -2.02
N ALA A 432 -4.68 14.71 -2.81
CA ALA A 432 -4.08 15.93 -2.27
C ALA A 432 -4.95 16.52 -1.17
N PHE A 433 -6.28 16.57 -1.40
CA PHE A 433 -7.20 17.08 -0.40
C PHE A 433 -7.11 16.27 0.90
N LEU A 434 -7.11 14.95 0.79
CA LEU A 434 -7.11 14.13 2.00
C LEU A 434 -5.74 14.17 2.69
N GLU A 435 -4.64 14.31 1.93
CA GLU A 435 -3.33 14.38 2.58
C GLU A 435 -3.15 15.67 3.37
N ASP A 436 -3.77 16.77 2.92
CA ASP A 436 -3.71 18.06 3.59
C ASP A 436 -4.96 18.39 4.41
N TYR A 437 -5.76 17.39 4.76
CA TYR A 437 -7.04 17.65 5.40
C TYR A 437 -6.87 18.33 6.74
N PHE A 438 -5.93 17.84 7.56
CA PHE A 438 -5.64 18.39 8.88
C PHE A 438 -4.39 19.26 8.80
N THR A 439 -4.50 20.52 9.22
CA THR A 439 -3.34 21.41 9.31
C THR A 439 -2.58 21.08 10.59
N SER A 440 -1.39 20.52 10.45
CA SER A 440 -0.65 20.12 11.63
C SER A 440 -0.25 21.33 12.46
N THR A 441 0.04 21.07 13.73
CA THR A 441 0.38 22.10 14.70
C THR A 441 1.88 22.25 14.92
N GLU A 442 2.64 21.16 14.80
CA GLU A 442 4.09 21.19 14.98
C GLU A 442 4.80 21.74 13.74
N PRO A 443 6.02 22.23 13.88
CA PRO A 443 6.81 22.60 12.69
C PRO A 443 7.31 21.35 11.99
N GLN A 444 7.47 21.46 10.67
CA GLN A 444 7.94 20.34 9.86
C GLN A 444 9.22 19.74 10.40
N GLN A 446 12.30 20.05 13.37
CA GLN A 446 12.76 20.63 14.62
C GLN A 446 13.79 21.72 14.32
N PRO A 447 13.67 22.87 15.01
CA PRO A 447 14.67 23.92 14.83
C PRO A 447 16.06 23.47 15.24
N GLY A 448 16.81 22.92 14.28
CA GLY A 448 18.21 22.63 14.50
C GLY A 448 19.02 23.84 14.89
N GLU A 449 18.54 25.04 14.53
CA GLU A 449 18.97 26.35 15.02
C GLU A 449 20.12 26.24 16.01
N ASN A 450 19.78 25.88 17.24
CA ASN A 450 20.69 25.49 18.30
C ASN A 450 19.85 24.52 19.13
N LEU A 451 20.41 23.37 19.48
CA LEU A 451 19.54 22.38 20.07
C LEU A 451 19.62 22.39 21.59
#